data_1NW6
#
_entry.id   1NW6
#
_cell.length_a   70.428
_cell.length_b   130.070
_cell.length_c   67.216
_cell.angle_alpha   90.00
_cell.angle_beta   90.00
_cell.angle_gamma   90.00
#
_symmetry.space_group_name_H-M   'C 2 2 21'
#
loop_
_entity.id
_entity.type
_entity.pdbx_description
1 polymer 'MODIFICATION METHYLASE RSRI'
2 non-polymer 'CHLORIDE ION'
3 non-polymer SINEFUNGIN
4 water water
#
_entity_poly.entity_id   1
_entity_poly.type   'polypeptide(L)'
_entity_poly.pdbx_seq_one_letter_code
;MANRSHHNAGHRAMNALRKSGQKHSSESQLGSSEIGTTRHVYDVCDCLDTLAKLPDDSVQLIICDPPYNIMLADWDDHMD
YIGWAKRWLAEAERVLSPTGSIAIFGGLQYQGEAGSGDLISIISHMRQNSKMLLANLIIWNYPNGMSAQRFFANRHEEIA
WFAKTKKYFFDLDAVREPYDEETKAAYMKDKRLNPESVEKGRNPTNVWRMSRLNGNSLERVGHPTQKPAAVIERLVRALS
HPGSTVLDFFAGSGVTARVAIQEGRNSICTDAAPVFKEYYQKQLTFLQDDGLIDKARSYEIVEGAANFGAALQRGDVAS
;
_entity_poly.pdbx_strand_id   A
#
# COMPACT_ATOMS: atom_id res chain seq x y z
N GLY A 36 14.62 18.27 -5.79
CA GLY A 36 14.41 16.92 -6.38
C GLY A 36 13.03 16.78 -6.99
N THR A 37 12.96 16.84 -8.32
CA THR A 37 11.70 16.71 -9.03
C THR A 37 11.33 15.25 -9.24
N THR A 38 10.09 14.90 -8.92
CA THR A 38 9.63 13.53 -9.08
C THR A 38 8.72 13.41 -10.28
N ARG A 39 8.55 12.18 -10.75
CA ARG A 39 7.69 11.93 -11.89
C ARG A 39 6.65 10.87 -11.54
N HIS A 40 5.44 11.09 -12.04
CA HIS A 40 4.31 10.22 -11.75
C HIS A 40 3.55 9.90 -13.03
N VAL A 41 3.41 8.62 -13.32
CA VAL A 41 2.72 8.18 -14.51
C VAL A 41 1.44 7.46 -14.11
N TYR A 42 0.39 7.64 -14.88
CA TYR A 42 -0.86 6.98 -14.58
C TYR A 42 -1.56 6.60 -15.87
N ASP A 43 -2.44 5.61 -15.78
CA ASP A 43 -3.17 5.17 -16.94
C ASP A 43 -4.25 4.20 -16.53
N VAL A 44 -5.17 3.94 -17.45
CA VAL A 44 -6.23 2.99 -17.21
C VAL A 44 -5.91 1.69 -17.93
N CYS A 45 -5.71 0.61 -17.19
CA CYS A 45 -5.43 -0.67 -17.79
C CYS A 45 -5.43 -1.80 -16.77
N ASP A 46 -5.43 -3.03 -17.28
CA ASP A 46 -5.42 -4.23 -16.43
C ASP A 46 -4.06 -4.34 -15.75
N CYS A 47 -4.06 -4.85 -14.52
CA CYS A 47 -2.82 -4.96 -13.74
C CYS A 47 -1.74 -5.79 -14.41
N LEU A 48 -2.13 -6.86 -15.10
CA LEU A 48 -1.13 -7.68 -15.77
C LEU A 48 -0.50 -6.96 -16.96
N ASP A 49 -1.28 -6.11 -17.63
CA ASP A 49 -0.75 -5.35 -18.75
C ASP A 49 0.26 -4.33 -18.26
N THR A 50 0.01 -3.74 -17.09
CA THR A 50 0.93 -2.78 -16.49
C THR A 50 2.22 -3.48 -16.13
N LEU A 51 2.09 -4.55 -15.35
CA LEU A 51 3.25 -5.31 -14.89
C LEU A 51 4.10 -5.85 -16.02
N ALA A 52 3.47 -6.30 -17.10
CA ALA A 52 4.22 -6.85 -18.22
C ALA A 52 5.09 -5.79 -18.87
N LYS A 53 4.73 -4.52 -18.67
CA LYS A 53 5.51 -3.43 -19.24
C LYS A 53 6.64 -2.95 -18.32
N LEU A 54 6.75 -3.52 -17.13
CA LEU A 54 7.80 -3.11 -16.20
C LEU A 54 8.93 -4.13 -16.14
N PRO A 55 10.19 -3.64 -16.17
CA PRO A 55 11.36 -4.52 -16.13
C PRO A 55 11.63 -5.10 -14.74
N ASP A 56 12.40 -6.19 -14.69
CA ASP A 56 12.75 -6.84 -13.44
C ASP A 56 13.45 -5.88 -12.49
N ASP A 57 13.19 -6.06 -11.19
CA ASP A 57 13.82 -5.30 -10.12
C ASP A 57 13.84 -3.78 -10.31
N SER A 58 12.77 -3.19 -10.87
CA SER A 58 12.77 -1.75 -11.11
C SER A 58 11.92 -0.93 -10.14
N VAL A 59 11.20 -1.59 -9.25
CA VAL A 59 10.30 -0.91 -8.32
C VAL A 59 10.70 -1.13 -6.85
N GLN A 60 10.59 -0.10 -6.03
CA GLN A 60 10.98 -0.24 -4.62
C GLN A 60 9.83 -0.64 -3.71
N LEU A 61 8.64 -0.10 -3.97
CA LEU A 61 7.49 -0.40 -3.15
C LEU A 61 6.20 -0.51 -3.95
N ILE A 62 5.40 -1.51 -3.61
CA ILE A 62 4.13 -1.69 -4.26
C ILE A 62 3.02 -1.60 -3.22
N ILE A 63 2.03 -0.75 -3.48
CA ILE A 63 0.85 -0.63 -2.63
C ILE A 63 -0.19 -1.51 -3.31
N CYS A 64 -0.70 -2.50 -2.60
CA CYS A 64 -1.61 -3.44 -3.21
C CYS A 64 -2.87 -3.66 -2.40
N ASP A 65 -3.98 -3.15 -2.91
CA ASP A 65 -5.30 -3.27 -2.29
C ASP A 65 -6.18 -3.79 -3.42
N PRO A 66 -6.05 -5.11 -3.70
CA PRO A 66 -6.74 -5.84 -4.74
C PRO A 66 -8.19 -6.21 -4.54
N PRO A 67 -8.89 -6.46 -5.66
CA PRO A 67 -10.28 -6.87 -5.55
C PRO A 67 -10.16 -8.28 -4.98
N TYR A 68 -11.15 -8.78 -4.25
CA TYR A 68 -11.02 -10.11 -3.69
C TYR A 68 -11.98 -11.13 -4.28
N ASN A 69 -12.34 -10.89 -5.53
CA ASN A 69 -13.21 -11.79 -6.29
C ASN A 69 -12.81 -11.71 -7.75
N ILE A 70 -12.96 -12.79 -8.51
CA ILE A 70 -12.63 -12.75 -9.93
C ILE A 70 -13.85 -12.34 -10.73
N MET A 71 -13.65 -11.94 -11.98
CA MET A 71 -14.74 -11.53 -12.87
C MET A 71 -15.41 -12.74 -13.51
N LEU A 72 -16.67 -12.59 -13.89
CA LEU A 72 -17.40 -13.70 -14.51
C LEU A 72 -16.56 -14.32 -15.63
N ALA A 73 -16.01 -13.48 -16.51
CA ALA A 73 -15.21 -13.95 -17.62
C ALA A 73 -13.96 -14.72 -17.18
N ASP A 74 -13.45 -14.41 -15.99
CA ASP A 74 -12.27 -15.08 -15.47
C ASP A 74 -12.47 -16.58 -15.27
N TRP A 75 -13.71 -17.03 -15.37
CA TRP A 75 -13.98 -18.46 -15.20
C TRP A 75 -13.56 -19.26 -16.44
N ASP A 76 -13.11 -18.55 -17.47
CA ASP A 76 -12.66 -19.23 -18.68
C ASP A 76 -11.28 -19.86 -18.45
N ASP A 77 -10.49 -19.25 -17.57
CA ASP A 77 -9.15 -19.73 -17.31
C ASP A 77 -8.82 -20.07 -15.85
N HIS A 78 -9.73 -19.80 -14.91
CA HIS A 78 -9.41 -20.11 -13.51
C HIS A 78 -10.53 -20.83 -12.77
N MET A 79 -10.17 -21.54 -11.70
CA MET A 79 -11.16 -22.26 -10.90
C MET A 79 -11.28 -21.68 -9.49
N ASP A 80 -10.47 -20.68 -9.18
CA ASP A 80 -10.53 -20.01 -7.88
C ASP A 80 -9.83 -18.66 -7.92
N TYR A 81 -9.97 -17.90 -6.84
CA TYR A 81 -9.36 -16.58 -6.75
C TYR A 81 -7.84 -16.58 -6.92
N ILE A 82 -7.16 -17.45 -6.18
CA ILE A 82 -5.70 -17.52 -6.24
C ILE A 82 -5.20 -17.90 -7.63
N GLY A 83 -6.01 -18.65 -8.36
CA GLY A 83 -5.62 -19.02 -9.72
C GLY A 83 -5.33 -17.76 -10.53
N TRP A 84 -6.12 -16.73 -10.28
CA TRP A 84 -5.97 -15.45 -10.97
C TRP A 84 -4.92 -14.58 -10.27
N ALA A 85 -5.06 -14.45 -8.96
CA ALA A 85 -4.18 -13.61 -8.14
C ALA A 85 -2.69 -14.01 -8.22
N LYS A 86 -2.40 -15.29 -8.30
CA LYS A 86 -1.01 -15.75 -8.35
C LYS A 86 -0.23 -15.14 -9.53
N ARG A 87 -0.94 -14.77 -10.58
CA ARG A 87 -0.31 -14.19 -11.75
C ARG A 87 0.26 -12.82 -11.45
N TRP A 88 -0.53 -11.94 -10.86
CA TRP A 88 0.00 -10.62 -10.54
C TRP A 88 0.90 -10.67 -9.31
N LEU A 89 0.71 -11.65 -8.43
CA LEU A 89 1.59 -11.75 -7.28
C LEU A 89 3.00 -12.13 -7.74
N ALA A 90 3.09 -13.05 -8.71
CA ALA A 90 4.39 -13.46 -9.24
C ALA A 90 5.04 -12.30 -9.97
N GLU A 91 4.25 -11.56 -10.75
CA GLU A 91 4.77 -10.41 -11.48
C GLU A 91 5.22 -9.31 -10.50
N ALA A 92 4.43 -9.08 -9.47
CA ALA A 92 4.77 -8.05 -8.48
C ALA A 92 6.16 -8.32 -7.90
N GLU A 93 6.39 -9.58 -7.52
CA GLU A 93 7.69 -9.96 -6.98
C GLU A 93 8.81 -9.71 -8.00
N ARG A 94 8.54 -10.06 -9.26
CA ARG A 94 9.51 -9.89 -10.33
C ARG A 94 9.93 -8.43 -10.51
N VAL A 95 8.98 -7.49 -10.47
CA VAL A 95 9.32 -6.09 -10.68
C VAL A 95 9.92 -5.41 -9.46
N LEU A 96 9.79 -6.01 -8.27
CA LEU A 96 10.38 -5.42 -7.07
C LEU A 96 11.89 -5.61 -7.05
N SER A 97 12.61 -4.58 -6.58
CA SER A 97 14.06 -4.67 -6.51
C SER A 97 14.42 -5.55 -5.30
N PRO A 98 15.69 -5.96 -5.20
CA PRO A 98 16.17 -6.81 -4.08
C PRO A 98 15.86 -6.21 -2.70
N THR A 99 15.78 -4.89 -2.64
CA THR A 99 15.50 -4.21 -1.39
C THR A 99 14.04 -3.76 -1.29
N GLY A 100 13.22 -4.21 -2.25
CA GLY A 100 11.83 -3.79 -2.30
C GLY A 100 10.84 -4.59 -1.47
N SER A 101 9.66 -3.98 -1.30
CA SER A 101 8.59 -4.59 -0.52
C SER A 101 7.23 -4.37 -1.18
N ILE A 102 6.25 -5.17 -0.76
CA ILE A 102 4.88 -5.03 -1.23
C ILE A 102 3.97 -5.11 -0.01
N ALA A 103 3.07 -4.16 0.10
CA ALA A 103 2.12 -4.13 1.20
C ALA A 103 0.76 -4.51 0.65
N ILE A 104 0.19 -5.62 1.12
CA ILE A 104 -1.09 -6.09 0.60
C ILE A 104 -2.24 -5.93 1.59
N PHE A 105 -3.21 -5.11 1.23
CA PHE A 105 -4.38 -4.90 2.10
C PHE A 105 -5.36 -6.03 1.93
N GLY A 106 -6.03 -6.41 3.01
CA GLY A 106 -7.00 -7.49 2.92
C GLY A 106 -7.61 -7.80 4.27
N GLY A 107 -8.70 -8.57 4.24
CA GLY A 107 -9.36 -8.97 5.46
C GLY A 107 -9.19 -10.46 5.71
N LEU A 108 -9.80 -10.93 6.78
CA LEU A 108 -9.73 -12.34 7.15
C LEU A 108 -11.14 -12.89 7.32
N GLN A 109 -12.08 -12.36 6.54
CA GLN A 109 -13.47 -12.77 6.65
C GLN A 109 -14.00 -13.60 5.47
N TYR A 110 -13.13 -14.09 4.60
CA TYR A 110 -13.59 -14.91 3.47
C TYR A 110 -14.60 -15.98 3.95
N GLN A 111 -15.69 -16.13 3.21
CA GLN A 111 -16.75 -17.08 3.56
C GLN A 111 -16.76 -18.37 2.72
N GLY A 112 -15.83 -18.52 1.78
CA GLY A 112 -15.80 -19.74 1.00
C GLY A 112 -16.48 -19.69 -0.36
N GLU A 113 -16.95 -18.51 -0.77
CA GLU A 113 -17.61 -18.38 -2.09
C GLU A 113 -16.63 -18.67 -3.21
N ALA A 114 -17.07 -19.45 -4.21
CA ALA A 114 -16.22 -19.78 -5.34
C ALA A 114 -15.84 -18.52 -6.12
N GLY A 115 -14.55 -18.35 -6.39
CA GLY A 115 -14.10 -17.19 -7.14
C GLY A 115 -13.64 -16.03 -6.29
N SER A 116 -13.85 -16.13 -4.97
CA SER A 116 -13.41 -15.07 -4.06
C SER A 116 -12.41 -15.61 -3.04
N GLY A 117 -11.86 -14.71 -2.23
CA GLY A 117 -10.91 -15.11 -1.21
C GLY A 117 -10.58 -13.93 -0.33
N ASP A 118 -9.52 -14.05 0.48
CA ASP A 118 -9.11 -12.93 1.30
C ASP A 118 -7.59 -12.93 1.49
N LEU A 119 -7.11 -12.13 2.43
CA LEU A 119 -5.68 -12.01 2.67
C LEU A 119 -5.06 -13.35 3.05
N ILE A 120 -5.84 -14.21 3.71
CA ILE A 120 -5.32 -15.51 4.09
C ILE A 120 -5.14 -16.38 2.85
N SER A 121 -6.02 -16.23 1.85
CA SER A 121 -5.89 -17.00 0.62
C SER A 121 -4.55 -16.67 -0.04
N ILE A 122 -4.20 -15.39 -0.01
CA ILE A 122 -2.95 -14.91 -0.59
C ILE A 122 -1.73 -15.35 0.23
N ILE A 123 -1.79 -15.15 1.54
CA ILE A 123 -0.67 -15.52 2.40
C ILE A 123 -0.35 -17.01 2.29
N SER A 124 -1.37 -17.87 2.30
CA SER A 124 -1.13 -19.30 2.18
C SER A 124 -0.45 -19.61 0.85
N HIS A 125 -0.92 -18.99 -0.22
CA HIS A 125 -0.30 -19.19 -1.52
C HIS A 125 1.17 -18.76 -1.49
N MET A 126 1.44 -17.59 -0.91
CA MET A 126 2.80 -17.06 -0.80
C MET A 126 3.73 -17.99 -0.02
N ARG A 127 3.23 -18.59 1.05
CA ARG A 127 4.05 -19.49 1.85
C ARG A 127 4.48 -20.72 1.04
N GLN A 128 3.59 -21.18 0.17
CA GLN A 128 3.88 -22.34 -0.65
C GLN A 128 4.69 -22.05 -1.90
N ASN A 129 4.49 -20.88 -2.51
CA ASN A 129 5.14 -20.62 -3.79
C ASN A 129 6.10 -19.44 -3.90
N SER A 130 6.23 -18.62 -2.86
CA SER A 130 7.13 -17.47 -2.99
C SER A 130 8.23 -17.47 -1.94
N LYS A 131 9.38 -16.92 -2.30
CA LYS A 131 10.50 -16.82 -1.37
C LYS A 131 10.45 -15.50 -0.61
N MET A 132 9.47 -14.66 -0.90
CA MET A 132 9.38 -13.41 -0.18
C MET A 132 9.14 -13.67 1.31
N LEU A 133 9.58 -12.74 2.14
CA LEU A 133 9.46 -12.87 3.58
C LEU A 133 8.30 -12.05 4.12
N LEU A 134 7.49 -12.64 5.01
CA LEU A 134 6.42 -11.86 5.58
C LEU A 134 7.05 -11.09 6.74
N ALA A 135 7.47 -9.86 6.47
CA ALA A 135 8.13 -9.03 7.48
C ALA A 135 7.17 -8.63 8.61
N ASN A 136 5.89 -8.47 8.30
CA ASN A 136 4.91 -8.10 9.32
C ASN A 136 3.47 -8.30 8.83
N LEU A 137 2.60 -8.62 9.78
CA LEU A 137 1.17 -8.69 9.53
C LEU A 137 0.65 -7.53 10.38
N ILE A 138 0.28 -6.45 9.70
CA ILE A 138 -0.17 -5.24 10.34
C ILE A 138 -1.67 -5.23 10.51
N ILE A 139 -2.12 -4.81 11.69
CA ILE A 139 -3.55 -4.69 11.97
C ILE A 139 -3.96 -3.22 11.90
N TRP A 140 -4.85 -2.91 10.96
CA TRP A 140 -5.39 -1.55 10.86
C TRP A 140 -6.68 -1.56 11.63
N ASN A 141 -6.61 -1.05 12.86
CA ASN A 141 -7.74 -0.98 13.78
C ASN A 141 -8.41 0.37 13.70
N TYR A 142 -9.55 0.45 13.02
CA TYR A 142 -10.26 1.71 12.90
C TYR A 142 -11.30 1.86 14.01
N PRO A 143 -11.49 3.10 14.49
CA PRO A 143 -12.40 3.53 15.56
C PRO A 143 -13.88 3.23 15.39
N ASN A 144 -14.46 3.56 14.24
CA ASN A 144 -15.89 3.35 14.07
C ASN A 144 -16.25 2.28 13.05
N GLY A 145 -17.53 1.87 13.09
CA GLY A 145 -18.02 0.88 12.16
C GLY A 145 -19.45 0.46 12.46
N MET A 146 -19.93 -0.55 11.74
CA MET A 146 -21.28 -1.05 11.94
C MET A 146 -21.39 -1.80 13.27
N SER A 147 -22.61 -1.90 13.78
CA SER A 147 -22.85 -2.63 15.01
C SER A 147 -23.16 -4.08 14.63
N ALA A 148 -23.33 -4.94 15.62
CA ALA A 148 -23.64 -6.34 15.34
C ALA A 148 -24.19 -6.97 16.61
N GLN A 149 -25.25 -7.75 16.47
CA GLN A 149 -25.85 -8.37 17.63
C GLN A 149 -25.41 -9.83 17.82
N ARG A 150 -25.00 -10.48 16.73
CA ARG A 150 -24.61 -11.89 16.79
C ARG A 150 -23.10 -12.18 16.73
N PHE A 151 -22.29 -11.15 16.89
CA PHE A 151 -20.84 -11.34 16.92
C PHE A 151 -20.15 -10.04 17.31
N PHE A 152 -18.83 -10.08 17.45
CA PHE A 152 -18.07 -8.90 17.82
C PHE A 152 -17.98 -7.97 16.63
N ALA A 153 -18.40 -6.72 16.82
CA ALA A 153 -18.41 -5.74 15.73
C ALA A 153 -17.02 -5.61 15.10
N ASN A 154 -16.97 -5.67 13.76
CA ASN A 154 -15.69 -5.61 13.08
C ASN A 154 -15.03 -4.24 13.09
N ARG A 155 -13.80 -4.20 13.57
CA ARG A 155 -13.06 -2.96 13.62
C ARG A 155 -11.61 -3.12 13.14
N HIS A 156 -11.37 -4.04 12.22
CA HIS A 156 -10.01 -4.20 11.71
C HIS A 156 -9.94 -4.74 10.28
N GLU A 157 -8.84 -4.38 9.64
CA GLU A 157 -8.46 -4.79 8.30
C GLU A 157 -6.96 -5.07 8.40
N GLU A 158 -6.43 -5.97 7.57
CA GLU A 158 -5.01 -6.30 7.69
C GLU A 158 -4.16 -5.77 6.54
N ILE A 159 -2.86 -5.74 6.78
CA ILE A 159 -1.88 -5.35 5.80
C ILE A 159 -0.71 -6.32 5.89
N ALA A 160 -0.53 -7.16 4.88
CA ALA A 160 0.59 -8.09 4.88
C ALA A 160 1.77 -7.43 4.19
N TRP A 161 2.84 -7.19 4.94
CA TRP A 161 4.03 -6.57 4.35
C TRP A 161 5.03 -7.66 3.99
N PHE A 162 5.21 -7.87 2.69
CA PHE A 162 6.15 -8.86 2.20
C PHE A 162 7.39 -8.16 1.65
N ALA A 163 8.57 -8.63 2.05
CA ALA A 163 9.82 -8.06 1.53
C ALA A 163 10.41 -9.06 0.54
N LYS A 164 10.98 -8.58 -0.56
CA LYS A 164 11.53 -9.50 -1.53
C LYS A 164 12.69 -10.30 -0.97
N THR A 165 13.56 -9.64 -0.20
CA THR A 165 14.68 -10.34 0.40
C THR A 165 14.98 -9.81 1.79
N LYS A 166 15.94 -10.42 2.46
CA LYS A 166 16.33 -10.03 3.81
C LYS A 166 17.01 -8.66 3.85
N LYS A 167 17.32 -8.09 2.69
CA LYS A 167 17.98 -6.78 2.64
C LYS A 167 16.98 -5.66 2.32
N TYR A 168 15.72 -5.89 2.67
CA TYR A 168 14.70 -4.88 2.40
C TYR A 168 15.03 -3.57 3.07
N PHE A 169 14.57 -2.49 2.48
CA PHE A 169 14.77 -1.17 3.05
C PHE A 169 13.74 -0.94 4.14
N PHE A 170 14.15 -0.28 5.20
CA PHE A 170 13.25 0.06 6.29
C PHE A 170 13.72 1.33 6.97
N ASP A 171 12.85 2.34 6.99
CA ASP A 171 13.17 3.60 7.64
C ASP A 171 12.23 3.78 8.83
N LEU A 172 12.57 3.14 9.95
CA LEU A 172 11.76 3.20 11.15
C LEU A 172 11.67 4.61 11.75
N ASP A 173 12.81 5.31 11.79
CA ASP A 173 12.84 6.67 12.35
C ASP A 173 11.83 7.58 11.65
N ALA A 174 11.59 7.32 10.37
CA ALA A 174 10.67 8.13 9.59
C ALA A 174 9.21 7.96 10.03
N VAL A 175 8.90 6.89 10.75
CA VAL A 175 7.52 6.65 11.19
C VAL A 175 7.36 6.56 12.71
N ARG A 176 8.43 6.80 13.46
CA ARG A 176 8.33 6.77 14.91
C ARG A 176 7.36 7.85 15.40
N GLU A 177 6.68 7.56 16.50
CA GLU A 177 5.76 8.51 17.10
C GLU A 177 6.44 9.13 18.31
N PRO A 178 6.66 10.45 18.29
CA PRO A 178 7.32 11.15 19.40
C PRO A 178 6.48 11.21 20.68
N TYR A 179 7.18 11.23 21.82
CA TYR A 179 6.50 11.34 23.10
C TYR A 179 6.29 12.83 23.36
N ASP A 180 5.35 13.18 24.23
CA ASP A 180 5.15 14.59 24.54
C ASP A 180 6.38 15.05 25.33
N GLU A 181 6.54 16.36 25.51
CA GLU A 181 7.70 16.88 26.23
C GLU A 181 7.76 16.41 27.68
N GLU A 182 6.58 16.15 28.27
CA GLU A 182 6.53 15.70 29.66
C GLU A 182 7.08 14.29 29.81
N THR A 183 6.54 13.36 29.01
CA THR A 183 7.00 11.97 29.05
C THR A 183 8.44 11.84 28.61
N LYS A 184 8.80 12.56 27.56
CA LYS A 184 10.17 12.52 27.06
C LYS A 184 11.14 12.93 28.15
N ALA A 185 10.73 13.87 28.99
CA ALA A 185 11.56 14.35 30.10
C ALA A 185 11.71 13.26 31.16
N ALA A 186 10.60 12.59 31.47
CA ALA A 186 10.61 11.51 32.47
C ALA A 186 11.56 10.39 32.05
N TYR A 187 11.54 10.05 30.77
CA TYR A 187 12.39 8.99 30.24
C TYR A 187 13.85 9.43 30.19
N MET A 188 14.08 10.71 29.89
CA MET A 188 15.43 11.25 29.80
C MET A 188 16.13 11.20 31.14
N LYS A 189 15.37 11.13 32.22
CA LYS A 189 15.97 11.07 33.55
C LYS A 189 16.22 9.62 33.96
N ASP A 190 15.56 8.69 33.28
CA ASP A 190 15.75 7.27 33.57
C ASP A 190 17.00 6.76 32.88
N LYS A 191 18.09 6.69 33.63
CA LYS A 191 19.39 6.24 33.12
C LYS A 191 19.33 4.83 32.53
N ARG A 192 18.29 4.08 32.85
CA ARG A 192 18.16 2.72 32.31
C ARG A 192 17.79 2.75 30.82
N LEU A 193 17.25 3.89 30.38
CA LEU A 193 16.81 4.04 29.00
C LEU A 193 17.81 4.78 28.12
N ASN A 194 17.87 4.38 26.86
CA ASN A 194 18.73 5.01 25.87
C ASN A 194 18.12 6.35 25.45
N PRO A 195 18.82 7.46 25.72
CA PRO A 195 18.39 8.82 25.40
C PRO A 195 18.01 9.02 23.94
N GLU A 196 18.78 8.41 23.04
CA GLU A 196 18.52 8.53 21.62
C GLU A 196 17.18 7.93 21.23
N SER A 197 16.91 6.72 21.70
CA SER A 197 15.65 6.05 21.41
C SER A 197 14.50 6.91 21.88
N VAL A 198 14.70 7.60 23.00
CA VAL A 198 13.67 8.46 23.55
C VAL A 198 13.35 9.63 22.63
N GLU A 199 14.38 10.35 22.19
CA GLU A 199 14.20 11.50 21.33
C GLU A 199 13.69 11.13 19.94
N LYS A 200 14.09 9.97 19.44
CA LYS A 200 13.64 9.53 18.12
C LYS A 200 12.16 9.15 18.12
N GLY A 201 11.63 8.79 19.29
CA GLY A 201 10.23 8.42 19.37
C GLY A 201 10.04 6.91 19.46
N ARG A 202 8.78 6.47 19.55
CA ARG A 202 8.52 5.05 19.67
C ARG A 202 8.10 4.36 18.38
N ASN A 203 8.48 3.10 18.28
CA ASN A 203 8.10 2.25 17.16
C ASN A 203 6.58 2.30 17.14
N PRO A 204 5.97 2.57 15.98
CA PRO A 204 4.51 2.64 15.96
C PRO A 204 3.79 1.30 16.16
N THR A 205 4.56 0.22 16.20
CA THR A 205 4.07 -1.15 16.38
C THR A 205 3.32 -1.63 15.13
N ASN A 206 2.93 -2.91 15.12
CA ASN A 206 2.21 -3.45 13.97
C ASN A 206 0.68 -3.41 14.13
N VAL A 207 0.22 -2.55 15.03
CA VAL A 207 -1.21 -2.30 15.24
C VAL A 207 -1.40 -0.80 15.09
N TRP A 208 -2.07 -0.38 14.03
CA TRP A 208 -2.27 1.04 13.77
C TRP A 208 -3.71 1.47 14.02
N ARG A 209 -3.89 2.38 14.97
CA ARG A 209 -5.21 2.88 15.26
C ARG A 209 -5.43 4.13 14.40
N MET A 210 -6.03 3.92 13.24
CA MET A 210 -6.27 5.01 12.29
C MET A 210 -7.71 4.94 11.77
N SER A 211 -8.30 6.11 11.55
CA SER A 211 -9.67 6.16 11.07
C SER A 211 -9.77 6.00 9.56
N ARG A 212 -10.88 5.43 9.12
CA ARG A 212 -11.13 5.32 7.70
C ARG A 212 -11.68 6.67 7.28
N LEU A 213 -11.95 6.87 6.00
CA LEU A 213 -12.52 8.15 5.58
C LEU A 213 -14.02 8.11 5.74
N ASN A 214 -14.63 9.26 6.02
CA ASN A 214 -16.08 9.32 6.15
C ASN A 214 -16.62 10.05 4.94
N GLY A 215 -17.94 10.08 4.79
CA GLY A 215 -18.57 10.72 3.65
C GLY A 215 -18.35 12.22 3.58
N ASN A 216 -17.95 12.83 4.70
CA ASN A 216 -17.71 14.26 4.73
C ASN A 216 -16.22 14.59 4.71
N SER A 217 -15.40 13.59 4.43
CA SER A 217 -13.95 13.81 4.39
C SER A 217 -13.53 14.69 3.22
N LEU A 218 -12.52 15.52 3.47
CA LEU A 218 -11.98 16.46 2.48
C LEU A 218 -11.30 15.76 1.30
N GLU A 219 -10.51 14.73 1.58
CA GLU A 219 -9.79 14.04 0.52
C GLU A 219 -10.67 13.08 -0.28
N ARG A 220 -11.94 13.02 0.05
CA ARG A 220 -12.88 12.11 -0.63
C ARG A 220 -13.00 12.46 -2.12
N VAL A 221 -12.94 11.43 -2.98
CA VAL A 221 -13.04 11.65 -4.43
C VAL A 221 -14.19 10.89 -5.08
N GLY A 222 -14.89 10.05 -4.30
CA GLY A 222 -16.01 9.31 -4.86
C GLY A 222 -15.81 7.80 -4.92
N HIS A 223 -14.57 7.35 -4.77
CA HIS A 223 -14.31 5.91 -4.81
C HIS A 223 -14.86 5.24 -3.56
N PRO A 224 -15.65 4.17 -3.73
CA PRO A 224 -16.29 3.41 -2.64
C PRO A 224 -15.35 2.83 -1.59
N THR A 225 -14.14 2.41 -1.97
CA THR A 225 -13.23 1.83 -0.98
C THR A 225 -11.96 2.67 -0.80
N GLN A 226 -12.08 3.98 -0.99
CA GLN A 226 -10.95 4.88 -0.86
C GLN A 226 -10.21 4.75 0.48
N LYS A 227 -8.90 4.62 0.40
CA LYS A 227 -8.05 4.50 1.59
C LYS A 227 -7.53 5.88 2.00
N PRO A 228 -7.43 6.13 3.31
CA PRO A 228 -6.94 7.43 3.79
C PRO A 228 -5.44 7.61 3.53
N ALA A 229 -5.04 8.85 3.24
CA ALA A 229 -3.64 9.15 2.98
C ALA A 229 -2.74 8.78 4.16
N ALA A 230 -3.27 8.88 5.37
CA ALA A 230 -2.48 8.59 6.57
C ALA A 230 -1.89 7.17 6.59
N VAL A 231 -2.69 6.17 6.20
CA VAL A 231 -2.19 4.80 6.20
C VAL A 231 -1.12 4.60 5.11
N ILE A 232 -1.38 5.14 3.94
CA ILE A 232 -0.45 5.02 2.82
C ILE A 232 0.86 5.79 3.11
N GLU A 233 0.76 6.95 3.78
CA GLU A 233 1.95 7.73 4.10
C GLU A 233 2.90 6.89 4.95
N ARG A 234 2.35 6.22 5.96
CA ARG A 234 3.18 5.41 6.85
C ARG A 234 3.92 4.32 6.08
N LEU A 235 3.24 3.66 5.14
CA LEU A 235 3.87 2.60 4.36
C LEU A 235 4.96 3.18 3.46
N VAL A 236 4.65 4.28 2.78
CA VAL A 236 5.60 4.92 1.88
C VAL A 236 6.83 5.42 2.62
N ARG A 237 6.64 6.06 3.77
CA ARG A 237 7.76 6.60 4.54
C ARG A 237 8.66 5.53 5.11
N ALA A 238 8.07 4.43 5.55
CA ALA A 238 8.87 3.37 6.16
C ALA A 238 9.40 2.31 5.19
N LEU A 239 8.71 2.09 4.07
CA LEU A 239 9.14 1.03 3.16
C LEU A 239 9.76 1.46 1.83
N SER A 240 9.99 2.75 1.64
CA SER A 240 10.63 3.19 0.40
C SER A 240 11.53 4.37 0.70
N HIS A 241 12.57 4.57 -0.09
CA HIS A 241 13.44 5.69 0.14
C HIS A 241 13.09 6.84 -0.79
N PRO A 242 13.45 8.07 -0.40
CA PRO A 242 13.16 9.23 -1.24
C PRO A 242 13.70 9.04 -2.65
N GLY A 243 12.92 9.46 -3.65
CA GLY A 243 13.36 9.34 -5.03
C GLY A 243 13.17 7.95 -5.64
N SER A 244 12.62 7.00 -4.88
CA SER A 244 12.41 5.66 -5.41
C SER A 244 11.00 5.54 -6.01
N THR A 245 10.73 4.43 -6.70
CA THR A 245 9.44 4.28 -7.35
C THR A 245 8.43 3.47 -6.53
N VAL A 246 7.23 4.03 -6.40
CA VAL A 246 6.12 3.37 -5.72
C VAL A 246 5.11 3.02 -6.81
N LEU A 247 4.71 1.76 -6.86
CA LEU A 247 3.78 1.25 -7.87
C LEU A 247 2.46 0.81 -7.26
N ASP A 248 1.36 1.13 -7.94
CA ASP A 248 0.04 0.73 -7.47
C ASP A 248 -0.81 0.37 -8.70
N PHE A 249 -1.04 -0.93 -8.93
CA PHE A 249 -1.81 -1.37 -10.10
C PHE A 249 -3.29 -1.65 -9.84
N PHE A 250 -3.77 -1.30 -8.66
CA PHE A 250 -5.19 -1.36 -8.30
C PHE A 250 -5.42 0.01 -7.62
N ALA A 251 -4.89 1.04 -8.28
CA ALA A 251 -4.87 2.42 -7.79
C ALA A 251 -6.17 3.00 -7.22
N GLY A 252 -7.32 2.54 -7.69
CA GLY A 252 -8.56 3.05 -7.11
C GLY A 252 -8.76 4.56 -7.14
N SER A 253 -8.62 5.22 -6.00
CA SER A 253 -8.81 6.66 -5.91
C SER A 253 -7.57 7.44 -6.32
N GLY A 254 -6.45 6.73 -6.48
CA GLY A 254 -5.21 7.38 -6.85
C GLY A 254 -4.50 7.97 -5.65
N VAL A 255 -4.90 7.57 -4.45
CA VAL A 255 -4.29 8.10 -3.23
C VAL A 255 -2.77 7.88 -3.17
N THR A 256 -2.30 6.80 -3.79
CA THR A 256 -0.87 6.51 -3.77
C THR A 256 -0.03 7.58 -4.44
N ALA A 257 -0.54 8.14 -5.53
CA ALA A 257 0.20 9.17 -6.26
C ALA A 257 0.26 10.44 -5.42
N ARG A 258 -0.85 10.80 -4.80
CA ARG A 258 -0.85 11.98 -3.95
C ARG A 258 0.17 11.83 -2.83
N VAL A 259 0.21 10.67 -2.20
CA VAL A 259 1.17 10.44 -1.12
C VAL A 259 2.60 10.47 -1.65
N ALA A 260 2.82 9.82 -2.80
CA ALA A 260 4.16 9.76 -3.39
C ALA A 260 4.68 11.16 -3.70
N ILE A 261 3.85 11.99 -4.29
CA ILE A 261 4.23 13.36 -4.61
C ILE A 261 4.60 14.11 -3.32
N GLN A 262 3.71 14.07 -2.34
CA GLN A 262 3.95 14.75 -1.07
C GLN A 262 5.21 14.24 -0.37
N GLU A 263 5.54 12.97 -0.54
CA GLU A 263 6.70 12.38 0.14
C GLU A 263 7.99 12.34 -0.67
N GLY A 264 8.02 12.94 -1.85
CA GLY A 264 9.25 12.94 -2.64
C GLY A 264 9.59 11.62 -3.33
N ARG A 265 8.60 10.78 -3.60
CA ARG A 265 8.84 9.54 -4.31
C ARG A 265 8.30 9.66 -5.74
N ASN A 266 8.70 8.75 -6.62
CA ASN A 266 8.15 8.72 -7.97
C ASN A 266 7.00 7.73 -7.89
N SER A 267 6.09 7.73 -8.86
CA SER A 267 5.01 6.76 -8.76
C SER A 267 4.39 6.36 -10.09
N ILE A 268 3.84 5.15 -10.09
CA ILE A 268 3.15 4.60 -11.23
C ILE A 268 1.83 4.07 -10.69
N CYS A 269 0.72 4.63 -11.15
CA CYS A 269 -0.60 4.23 -10.67
C CYS A 269 -1.52 3.88 -11.84
N THR A 270 -2.04 2.66 -11.84
CA THR A 270 -2.97 2.23 -12.88
C THR A 270 -4.15 1.49 -12.26
N ASP A 271 -5.30 1.59 -12.93
CA ASP A 271 -6.52 0.94 -12.49
C ASP A 271 -7.30 0.57 -13.74
N ALA A 272 -8.07 -0.51 -13.68
CA ALA A 272 -8.84 -0.94 -14.85
C ALA A 272 -10.08 -0.08 -15.12
N ALA A 273 -10.53 0.68 -14.13
CA ALA A 273 -11.73 1.51 -14.29
C ALA A 273 -11.45 2.85 -14.96
N PRO A 274 -12.20 3.18 -16.01
CA PRO A 274 -11.97 4.46 -16.70
C PRO A 274 -12.13 5.65 -15.77
N VAL A 275 -13.03 5.54 -14.80
CA VAL A 275 -13.28 6.62 -13.85
C VAL A 275 -12.03 6.94 -13.02
N PHE A 276 -11.04 6.04 -13.05
CA PHE A 276 -9.80 6.26 -12.30
C PHE A 276 -9.12 7.57 -12.69
N LYS A 277 -9.10 7.90 -13.98
CA LYS A 277 -8.48 9.13 -14.44
C LYS A 277 -9.13 10.35 -13.80
N GLU A 278 -10.43 10.24 -13.56
CA GLU A 278 -11.20 11.29 -12.94
C GLU A 278 -10.73 11.45 -11.48
N TYR A 279 -10.57 10.33 -10.78
CA TYR A 279 -10.12 10.37 -9.39
C TYR A 279 -8.69 10.89 -9.26
N TYR A 280 -7.82 10.43 -10.16
CA TYR A 280 -6.42 10.86 -10.15
C TYR A 280 -6.33 12.38 -10.26
N GLN A 281 -7.04 12.94 -11.22
CA GLN A 281 -7.03 14.38 -11.42
C GLN A 281 -7.59 15.09 -10.19
N LYS A 282 -8.52 14.43 -9.50
CA LYS A 282 -9.10 15.02 -8.29
C LYS A 282 -8.04 15.02 -7.18
N GLN A 283 -7.27 13.94 -7.09
CA GLN A 283 -6.21 13.86 -6.10
C GLN A 283 -5.22 14.99 -6.28
N LEU A 284 -4.92 15.31 -7.54
CA LEU A 284 -3.97 16.37 -7.83
C LEU A 284 -4.43 17.73 -7.27
N THR A 285 -5.72 18.03 -7.37
CA THR A 285 -6.21 19.30 -6.86
C THR A 285 -6.00 19.41 -5.34
N PHE A 286 -5.90 18.27 -4.66
CA PHE A 286 -5.69 18.29 -3.22
C PHE A 286 -4.27 18.75 -2.89
N LEU A 287 -3.38 18.66 -3.87
CA LEU A 287 -2.01 19.09 -3.68
C LEU A 287 -1.95 20.62 -3.74
N GLN A 288 -2.55 21.16 -4.81
CA GLN A 288 -2.61 22.60 -5.04
C GLN A 288 -3.59 23.27 -4.08
N ARG A 297 7.58 22.46 -4.14
CA ARG A 297 7.45 21.05 -4.47
C ARG A 297 7.57 20.86 -5.99
N SER A 298 8.54 20.05 -6.42
CA SER A 298 8.78 19.83 -7.84
C SER A 298 8.42 18.41 -8.26
N TYR A 299 7.42 18.29 -9.14
CA TYR A 299 6.98 17.01 -9.65
C TYR A 299 6.32 17.16 -11.01
N GLU A 300 6.33 16.09 -11.79
CA GLU A 300 5.74 16.11 -13.11
C GLU A 300 4.73 14.97 -13.27
N ILE A 301 3.59 15.26 -13.88
CA ILE A 301 2.56 14.26 -14.10
C ILE A 301 2.56 13.85 -15.57
N VAL A 302 2.55 12.54 -15.84
CA VAL A 302 2.54 12.04 -17.21
C VAL A 302 1.50 10.94 -17.39
N GLU A 303 0.66 11.06 -18.40
CA GLU A 303 -0.36 10.04 -18.67
C GLU A 303 0.14 9.05 -19.71
N GLY A 304 -0.26 7.78 -19.59
CA GLY A 304 0.12 6.78 -20.57
C GLY A 304 1.12 5.72 -20.15
N ALA A 305 0.71 4.45 -20.25
CA ALA A 305 1.56 3.33 -19.89
C ALA A 305 2.87 3.34 -20.70
N ALA A 306 2.85 3.95 -21.88
CA ALA A 306 4.04 4.03 -22.70
C ALA A 306 5.10 4.90 -22.04
N ASN A 307 4.70 5.62 -21.00
CA ASN A 307 5.63 6.51 -20.31
C ASN A 307 6.02 6.03 -18.90
N PHE A 308 5.81 4.76 -18.60
CA PHE A 308 6.17 4.26 -17.27
C PHE A 308 7.62 4.58 -16.92
N GLY A 309 8.51 4.45 -17.91
CA GLY A 309 9.92 4.73 -17.72
C GLY A 309 10.25 6.04 -17.05
N ALA A 310 9.42 7.05 -17.28
CA ALA A 310 9.63 8.35 -16.68
C ALA A 310 9.65 8.26 -15.15
N ALA A 311 8.91 7.30 -14.60
CA ALA A 311 8.84 7.16 -13.15
C ALA A 311 9.81 6.11 -12.61
N LEU A 312 10.43 5.36 -13.50
CA LEU A 312 11.39 4.34 -13.07
C LEU A 312 12.78 4.94 -12.92
N GLN A 313 13.05 6.04 -13.63
CA GLN A 313 14.35 6.68 -13.51
C GLN A 313 14.58 7.08 -12.06
N ARG A 314 15.74 6.72 -11.53
CA ARG A 314 16.07 6.99 -10.13
C ARG A 314 16.58 8.42 -9.94
#